data_1R3Q
#
_entry.id   1R3Q
#
_cell.length_a   102.930
_cell.length_b   102.930
_cell.length_c   74.510
_cell.angle_alpha   90.00
_cell.angle_beta   90.00
_cell.angle_gamma   120.00
#
_symmetry.space_group_name_H-M   'P 31 2 1'
#
loop_
_entity.id
_entity.type
_entity.pdbx_description
1 polymer 'Uroporphyrinogen Decarboxylase'
2 non-polymer 'COPROPORPHYRINOGEN I'
3 non-polymer 'CARBON DIOXIDE'
4 water water
#
_entity_poly.entity_id   1
_entity_poly.type   'polypeptide(L)'
_entity_poly.pdbx_seq_one_letter_code
;MEANGLGPQGFPELKNDTFLRAAWGEETDYTPVWCMRQAGRYLPEFRETRAAQDFFSTCRSPEACCELTLQPLRRFPLDA
AIIFSDILVVPQALGMEVTMVPGKGPSFPEPLREEQDLERLRDPEVVASELGYVFQAITLTRQRLAGRVPLIGFAGAPWT
LMTYMVEGGGSSTMAQAKRWLYQRPQASHQLLRILTDALVPYLVGQVVAGAQALQLFESHAGHLGPQLFNKFALPYIRDV
AKQVKARLREAGLAPVPMIIFAKDGHFALEELAQAGYEVVGLDWTVAPKKARECVGKTVTLQGNLDPCALYASEEEIGQL
VKQMLDDFGPHRYIANLGHGLYPDMDPEHVGAFVDAVHKHSRLLRQN
;
_entity_poly.pdbx_strand_id   A
#
# COMPACT_ATOMS: atom_id res chain seq x y z
N GLY A 10 23.02 12.02 -2.50
CA GLY A 10 21.55 11.73 -2.40
C GLY A 10 20.76 12.25 -3.59
N PHE A 11 19.74 13.09 -3.33
CA PHE A 11 18.58 13.29 -4.23
C PHE A 11 18.08 14.73 -4.39
N PRO A 12 17.29 14.98 -5.43
CA PRO A 12 16.77 16.33 -5.65
C PRO A 12 15.86 16.81 -4.51
N GLU A 13 15.86 18.11 -4.25
CA GLU A 13 15.04 18.68 -3.19
C GLU A 13 13.56 18.53 -3.56
N LEU A 14 12.76 18.11 -2.61
CA LEU A 14 11.35 17.95 -2.85
C LEU A 14 10.66 19.30 -3.03
N LYS A 15 9.92 19.46 -4.12
CA LYS A 15 9.27 20.72 -4.47
C LYS A 15 7.83 20.80 -3.94
N ASN A 16 7.08 19.71 -4.04
CA ASN A 16 5.68 19.68 -3.55
C ASN A 16 5.64 18.64 -2.43
N ASP A 17 5.55 19.11 -1.20
CA ASP A 17 5.60 18.22 -0.05
C ASP A 17 4.25 18.15 0.67
N THR A 18 3.19 18.56 -0.01
CA THR A 18 1.85 18.60 0.56
C THR A 18 1.41 17.28 1.15
N PHE A 19 1.65 16.20 0.42
CA PHE A 19 1.38 14.87 0.93
C PHE A 19 2.03 14.54 2.27
N LEU A 20 3.32 14.84 2.41
CA LEU A 20 4.05 14.58 3.64
C LEU A 20 3.55 15.43 4.80
N ARG A 21 3.36 16.70 4.55
CA ARG A 21 2.78 17.60 5.57
C ARG A 21 1.42 17.09 6.05
N ALA A 22 0.53 16.71 5.14
CA ALA A 22 -0.73 16.13 5.54
C ALA A 22 -0.56 14.83 6.33
N ALA A 23 0.36 13.98 5.91
CA ALA A 23 0.59 12.70 6.58
C ALA A 23 1.03 12.87 8.04
N TRP A 24 1.84 13.90 8.25
CA TRP A 24 2.32 14.20 9.59
C TRP A 24 1.31 15.03 10.40
N GLY A 25 0.21 15.45 9.77
CA GLY A 25 -0.87 16.13 10.48
C GLY A 25 -0.79 17.65 10.50
N GLU A 26 -0.08 18.22 9.53
CA GLU A 26 0.07 19.65 9.42
C GLU A 26 -0.91 20.26 8.48
N GLU A 27 -1.18 21.55 8.70
CA GLU A 27 -2.10 22.25 7.82
C GLU A 27 -1.46 22.40 6.46
N THR A 28 -2.26 22.32 5.41
CA THR A 28 -1.82 22.55 4.03
C THR A 28 -2.80 23.46 3.32
N ASP A 29 -2.38 24.03 2.19
CA ASP A 29 -3.20 24.94 1.39
C ASP A 29 -4.33 24.27 0.62
N TYR A 30 -4.20 22.97 0.44
CA TYR A 30 -5.20 22.16 -0.25
C TYR A 30 -5.01 20.71 0.20
N THR A 31 -5.97 19.89 -0.16
CA THR A 31 -5.93 18.46 0.23
C THR A 31 -5.14 17.71 -0.83
N PRO A 32 -4.08 16.98 -0.44
CA PRO A 32 -3.34 16.23 -1.45
C PRO A 32 -4.09 14.97 -1.82
N VAL A 33 -3.83 14.48 -3.02
CA VAL A 33 -4.56 13.35 -3.58
C VAL A 33 -3.62 12.44 -4.35
N TRP A 34 -3.78 11.14 -4.13
CA TRP A 34 -3.22 10.19 -5.02
C TRP A 34 -4.25 9.05 -5.16
N CYS A 35 -4.02 8.15 -6.11
CA CYS A 35 -4.95 7.05 -6.36
C CYS A 35 -4.24 5.73 -6.24
N MET A 36 -4.77 4.83 -5.44
CA MET A 36 -4.24 3.47 -5.41
C MET A 36 -4.35 2.87 -6.80
N ARG A 37 -3.31 2.16 -7.21
CA ARG A 37 -3.18 1.59 -8.55
C ARG A 37 -3.23 2.63 -9.66
N GLN A 38 -2.68 3.81 -9.36
CA GLN A 38 -2.61 4.89 -10.37
C GLN A 38 -1.76 4.47 -11.54
N ALA A 39 -0.77 3.59 -11.32
CA ALA A 39 -0.13 2.90 -12.43
C ALA A 39 -0.88 1.58 -12.64
N GLY A 40 -1.67 1.51 -13.70
CA GLY A 40 -2.49 0.34 -13.89
C GLY A 40 -3.07 0.28 -15.28
N ARG A 41 -3.81 -0.79 -15.55
CA ARG A 41 -4.23 -1.15 -16.89
C ARG A 41 -5.26 -0.19 -17.48
N TYR A 42 -5.82 0.67 -16.65
CA TYR A 42 -6.76 1.70 -17.14
C TYR A 42 -6.04 2.68 -18.07
N LEU A 43 -4.71 2.73 -17.97
CA LEU A 43 -3.90 3.61 -18.83
C LEU A 43 -3.44 2.80 -20.04
N PRO A 44 -3.77 3.25 -21.26
CA PRO A 44 -3.28 2.55 -22.45
C PRO A 44 -1.76 2.39 -22.49
N GLU A 45 -1.04 3.41 -22.04
CA GLU A 45 0.41 3.40 -22.05
C GLU A 45 1.00 2.39 -21.04
N PHE A 46 0.23 2.07 -20.00
CA PHE A 46 0.68 1.03 -19.05
C PHE A 46 0.64 -0.32 -19.76
N ARG A 47 -0.48 -0.56 -20.43
CA ARG A 47 -0.67 -1.80 -21.18
C ARG A 47 0.43 -2.00 -22.19
N GLU A 48 0.81 -0.93 -22.88
CA GLU A 48 1.91 -0.99 -23.86
C GLU A 48 3.24 -1.34 -23.20
N THR A 49 3.60 -0.64 -22.11
CA THR A 49 4.85 -0.92 -21.44
C THR A 49 4.90 -2.37 -20.89
N ARG A 50 3.77 -2.83 -20.36
CA ARG A 50 3.69 -4.17 -19.79
C ARG A 50 3.72 -5.27 -20.85
N ALA A 51 3.35 -4.95 -22.09
CA ALA A 51 3.22 -5.96 -23.15
C ALA A 51 4.54 -6.67 -23.45
N ALA A 52 5.65 -5.98 -23.17
CA ALA A 52 7.00 -6.47 -23.51
C ALA A 52 7.55 -7.60 -22.61
N GLN A 53 7.12 -7.68 -21.35
CA GLN A 53 7.61 -8.70 -20.42
C GLN A 53 6.49 -9.29 -19.56
N ASP A 54 6.78 -10.43 -18.93
CA ASP A 54 5.89 -10.98 -17.91
C ASP A 54 5.95 -10.06 -16.68
N PHE A 55 4.95 -10.17 -15.84
CA PHE A 55 4.73 -9.22 -14.77
C PHE A 55 5.93 -9.16 -13.83
N PHE A 56 6.39 -10.31 -13.36
CA PHE A 56 7.49 -10.27 -12.38
C PHE A 56 8.81 -9.83 -13.01
N SER A 57 8.97 -10.05 -14.32
N SER A 57 8.95 -10.07 -14.32
CA SER A 57 10.11 -9.53 -15.03
CA SER A 57 10.07 -9.55 -15.10
C SER A 57 10.06 -8.01 -15.16
C SER A 57 10.05 -8.03 -15.16
N THR A 58 8.86 -7.46 -15.31
CA THR A 58 8.68 -6.02 -15.28
C THR A 58 9.13 -5.46 -13.93
N CYS A 59 8.70 -6.13 -12.88
CA CYS A 59 9.04 -5.70 -11.53
C CYS A 59 10.56 -5.71 -11.32
N ARG A 60 11.27 -6.57 -12.03
N ARG A 60 11.32 -6.55 -12.01
CA ARG A 60 12.73 -6.72 -11.92
CA ARG A 60 12.79 -6.61 -11.85
C ARG A 60 13.54 -5.69 -12.71
C ARG A 60 13.57 -5.74 -12.82
N SER A 61 12.87 -4.86 -13.53
CA SER A 61 13.51 -3.90 -14.41
C SER A 61 13.34 -2.50 -13.85
N PRO A 62 14.40 -1.91 -13.30
CA PRO A 62 14.28 -0.55 -12.74
C PRO A 62 13.70 0.49 -13.74
N GLU A 63 14.14 0.46 -14.98
CA GLU A 63 13.62 1.41 -15.97
C GLU A 63 12.14 1.19 -16.24
N ALA A 64 11.69 -0.06 -16.33
CA ALA A 64 10.26 -0.32 -16.56
C ALA A 64 9.44 0.12 -15.39
N CYS A 65 9.93 -0.13 -14.18
CA CYS A 65 9.20 0.29 -12.99
C CYS A 65 9.13 1.83 -12.90
N CYS A 66 10.23 2.49 -13.21
CA CYS A 66 10.29 3.94 -13.19
C CYS A 66 9.28 4.50 -14.19
N GLU A 67 9.27 3.93 -15.39
CA GLU A 67 8.35 4.39 -16.45
C GLU A 67 6.92 4.24 -16.03
N LEU A 68 6.56 3.08 -15.47
CA LEU A 68 5.20 2.87 -15.02
C LEU A 68 4.77 3.80 -13.88
N THR A 69 5.68 4.08 -12.96
CA THR A 69 5.43 5.01 -11.87
C THR A 69 5.13 6.43 -12.38
N LEU A 70 5.88 6.86 -13.36
CA LEU A 70 5.80 8.21 -13.88
C LEU A 70 4.60 8.43 -14.76
N GLN A 71 4.15 7.38 -15.44
CA GLN A 71 3.04 7.55 -16.40
C GLN A 71 1.83 8.30 -15.87
N PRO A 72 1.24 7.94 -14.72
CA PRO A 72 0.08 8.72 -14.22
C PRO A 72 0.39 10.18 -13.93
N LEU A 73 1.62 10.46 -13.49
CA LEU A 73 2.02 11.84 -13.18
C LEU A 73 2.16 12.72 -14.42
N ARG A 74 2.32 12.11 -15.57
CA ARG A 74 2.32 12.88 -16.84
C ARG A 74 0.91 13.27 -17.24
N ARG A 75 -0.07 12.53 -16.75
CA ARG A 75 -1.47 12.82 -17.05
C ARG A 75 -2.14 13.68 -16.05
N PHE A 76 -1.81 13.50 -14.76
CA PHE A 76 -2.57 14.07 -13.68
C PHE A 76 -1.62 14.68 -12.66
N PRO A 77 -2.00 15.80 -12.04
CA PRO A 77 -1.20 16.46 -11.01
C PRO A 77 -1.37 15.82 -9.63
N LEU A 78 -1.04 14.53 -9.55
CA LEU A 78 -1.16 13.78 -8.32
C LEU A 78 -0.10 14.28 -7.35
N ASP A 79 -0.41 14.19 -6.07
CA ASP A 79 0.47 14.73 -5.06
C ASP A 79 1.48 13.72 -4.51
N ALA A 80 1.46 12.50 -5.05
CA ALA A 80 2.43 11.46 -4.68
C ALA A 80 2.54 10.45 -5.79
N ALA A 81 3.71 9.81 -5.87
CA ALA A 81 3.96 8.67 -6.74
C ALA A 81 4.09 7.46 -5.84
N ILE A 82 3.66 6.30 -6.30
CA ILE A 82 3.92 5.04 -5.59
C ILE A 82 4.74 4.16 -6.52
N ILE A 83 5.82 3.56 -6.01
CA ILE A 83 6.66 2.74 -6.83
C ILE A 83 5.89 1.56 -7.40
N PHE A 84 6.12 1.28 -8.69
CA PHE A 84 5.61 0.10 -9.33
C PHE A 84 6.39 -1.14 -8.85
N SER A 85 5.66 -1.99 -8.18
CA SER A 85 6.19 -3.27 -7.67
C SER A 85 4.97 -4.13 -7.34
N ASP A 86 5.12 -5.11 -6.46
CA ASP A 86 3.99 -5.86 -6.01
C ASP A 86 4.20 -6.39 -4.61
N ILE A 87 3.12 -6.60 -3.87
CA ILE A 87 3.30 -7.15 -2.52
C ILE A 87 3.87 -8.56 -2.58
N LEU A 88 3.67 -9.27 -3.67
CA LEU A 88 4.07 -10.68 -3.67
C LEU A 88 5.55 -10.92 -3.93
N VAL A 89 6.32 -9.85 -4.09
CA VAL A 89 7.77 -10.01 -4.18
C VAL A 89 8.39 -10.55 -2.93
N VAL A 90 7.72 -10.38 -1.80
CA VAL A 90 8.26 -10.84 -0.50
C VAL A 90 8.14 -12.36 -0.37
N PRO A 91 6.97 -12.96 -0.57
CA PRO A 91 6.93 -14.44 -0.58
C PRO A 91 7.82 -15.07 -1.65
N GLN A 92 7.93 -14.42 -2.81
CA GLN A 92 8.86 -14.90 -3.83
C GLN A 92 10.30 -14.93 -3.31
N ALA A 93 10.71 -13.86 -2.64
CA ALA A 93 12.06 -13.69 -2.11
C ALA A 93 12.29 -14.67 -0.93
N LEU A 94 11.22 -15.09 -0.29
CA LEU A 94 11.30 -16.17 0.74
C LEU A 94 11.49 -17.58 0.20
N GLY A 95 11.37 -17.73 -1.11
CA GLY A 95 11.63 -18.98 -1.81
C GLY A 95 10.41 -19.66 -2.42
N MET A 96 9.26 -19.00 -2.41
CA MET A 96 8.08 -19.52 -3.08
C MET A 96 8.01 -19.10 -4.54
N GLU A 97 7.64 -20.01 -5.39
CA GLU A 97 7.49 -19.70 -6.80
C GLU A 97 6.12 -19.07 -7.02
N VAL A 98 6.04 -17.98 -7.80
CA VAL A 98 4.79 -17.28 -8.07
C VAL A 98 4.67 -16.91 -9.55
N THR A 99 3.48 -17.07 -10.11
CA THR A 99 3.18 -16.71 -11.50
C THR A 99 2.05 -15.73 -11.56
N MET A 100 1.96 -15.00 -12.67
CA MET A 100 0.79 -14.20 -12.96
C MET A 100 0.10 -14.92 -14.13
N VAL A 101 -1.16 -15.24 -13.91
CA VAL A 101 -1.96 -16.02 -14.86
C VAL A 101 -2.94 -15.06 -15.51
N PRO A 102 -3.03 -15.06 -16.85
CA PRO A 102 -3.91 -14.11 -17.55
C PRO A 102 -5.38 -14.23 -17.10
N GLY A 103 -5.98 -13.09 -16.75
CA GLY A 103 -7.38 -13.07 -16.37
C GLY A 103 -7.74 -13.71 -15.05
N LYS A 104 -6.79 -14.42 -14.42
CA LYS A 104 -6.99 -15.07 -13.12
C LYS A 104 -6.23 -14.38 -11.99
N GLY A 105 -5.02 -13.87 -12.27
CA GLY A 105 -4.21 -13.17 -11.29
C GLY A 105 -3.07 -14.02 -10.74
N PRO A 106 -2.56 -13.67 -9.57
CA PRO A 106 -1.36 -14.33 -9.06
C PRO A 106 -1.66 -15.72 -8.58
N SER A 107 -0.69 -16.60 -8.75
CA SER A 107 -0.84 -17.98 -8.33
C SER A 107 0.50 -18.47 -7.77
N PHE A 108 0.43 -19.21 -6.65
CA PHE A 108 1.58 -19.96 -6.15
C PHE A 108 1.21 -21.39 -6.41
N PRO A 109 1.87 -22.05 -7.35
CA PRO A 109 1.51 -23.42 -7.66
C PRO A 109 1.77 -24.43 -6.53
N GLU A 110 2.65 -24.08 -5.58
CA GLU A 110 2.91 -24.93 -4.42
C GLU A 110 2.74 -24.17 -3.11
N PRO A 111 1.50 -23.94 -2.72
CA PRO A 111 1.24 -23.21 -1.50
C PRO A 111 1.65 -24.00 -0.26
N LEU A 112 1.79 -23.26 0.83
CA LEU A 112 2.07 -23.84 2.12
C LEU A 112 0.82 -24.52 2.66
N ARG A 113 0.89 -25.82 2.91
CA ARG A 113 -0.31 -26.49 3.45
C ARG A 113 -0.13 -27.17 4.77
N GLU A 114 1.11 -27.50 5.11
CA GLU A 114 1.39 -28.09 6.42
C GLU A 114 2.56 -27.40 7.05
N GLU A 115 2.75 -27.64 8.35
CA GLU A 115 3.75 -26.92 9.08
C GLU A 115 5.16 -27.22 8.54
N GLN A 116 5.34 -28.44 8.01
CA GLN A 116 6.64 -28.85 7.48
C GLN A 116 7.01 -27.98 6.25
N ASP A 117 6.01 -27.45 5.57
CA ASP A 117 6.28 -26.57 4.40
C ASP A 117 7.08 -25.32 4.73
N LEU A 118 7.05 -24.86 5.98
CA LEU A 118 7.86 -23.72 6.39
C LEU A 118 9.35 -23.98 6.24
N GLU A 119 9.76 -25.25 6.18
CA GLU A 119 11.17 -25.62 6.04
C GLU A 119 11.82 -25.10 4.76
N ARG A 120 11.02 -24.89 3.72
N ARG A 120 11.03 -24.91 3.71
CA ARG A 120 11.58 -24.45 2.45
CA ARG A 120 11.60 -24.45 2.45
C ARG A 120 11.85 -22.95 2.38
C ARG A 120 11.81 -22.94 2.35
N LEU A 121 11.32 -22.18 3.32
CA LEU A 121 11.50 -20.74 3.27
C LEU A 121 12.93 -20.34 3.62
N ARG A 122 13.40 -19.28 2.98
CA ARG A 122 14.62 -18.62 3.37
C ARG A 122 14.59 -18.05 4.77
N ASP A 123 15.77 -17.87 5.37
CA ASP A 123 15.88 -17.12 6.59
C ASP A 123 15.44 -15.68 6.28
N PRO A 124 14.54 -15.10 7.04
CA PRO A 124 14.00 -13.78 6.69
C PRO A 124 15.04 -12.67 6.61
N GLU A 125 16.14 -12.81 7.36
CA GLU A 125 17.22 -11.85 7.31
C GLU A 125 17.94 -11.71 5.97
N VAL A 126 17.79 -12.68 5.06
CA VAL A 126 18.43 -12.61 3.75
C VAL A 126 17.47 -12.08 2.65
N VAL A 127 16.21 -11.88 2.99
CA VAL A 127 15.22 -11.45 1.99
C VAL A 127 15.53 -10.10 1.37
N ALA A 128 15.95 -9.13 2.17
CA ALA A 128 16.24 -7.81 1.60
C ALA A 128 17.30 -7.89 0.50
N SER A 129 18.29 -8.75 0.68
CA SER A 129 19.32 -8.94 -0.34
C SER A 129 18.75 -9.51 -1.63
N GLU A 130 17.71 -10.29 -1.55
CA GLU A 130 17.03 -10.83 -2.71
C GLU A 130 16.14 -9.78 -3.45
N LEU A 131 15.84 -8.68 -2.78
CA LEU A 131 14.93 -7.62 -3.28
C LEU A 131 15.68 -6.39 -3.72
N GLY A 132 16.98 -6.53 -3.92
CA GLY A 132 17.78 -5.42 -4.43
C GLY A 132 17.21 -4.72 -5.65
N TYR A 133 16.57 -5.49 -6.51
CA TYR A 133 15.95 -4.88 -7.70
C TYR A 133 14.87 -3.83 -7.38
N VAL A 134 14.15 -4.06 -6.29
CA VAL A 134 13.17 -3.08 -5.82
C VAL A 134 13.88 -1.80 -5.41
N PHE A 135 14.95 -1.92 -4.62
CA PHE A 135 15.66 -0.76 -4.20
C PHE A 135 16.23 0.01 -5.39
N GLN A 136 16.71 -0.73 -6.40
CA GLN A 136 17.23 -0.09 -7.61
C GLN A 136 16.13 0.72 -8.30
N ALA A 137 14.94 0.17 -8.38
CA ALA A 137 13.81 0.86 -8.99
C ALA A 137 13.47 2.14 -8.22
N ILE A 138 13.48 2.06 -6.87
CA ILE A 138 13.16 3.18 -6.03
C ILE A 138 14.16 4.30 -6.23
N THR A 139 15.46 3.96 -6.21
CA THR A 139 16.49 4.98 -6.36
C THR A 139 16.36 5.67 -7.72
N LEU A 140 16.17 4.88 -8.75
CA LEU A 140 16.05 5.42 -10.08
C LEU A 140 14.84 6.35 -10.19
N THR A 141 13.71 5.92 -9.68
CA THR A 141 12.45 6.68 -9.74
C THR A 141 12.58 7.97 -8.92
N ARG A 142 13.19 7.89 -7.74
CA ARG A 142 13.40 9.09 -6.93
C ARG A 142 14.23 10.12 -7.73
N GLN A 143 15.27 9.66 -8.42
N GLN A 143 15.25 9.64 -8.42
CA GLN A 143 16.09 10.56 -9.20
CA GLN A 143 16.13 10.49 -9.23
C GLN A 143 15.27 11.16 -10.33
C GLN A 143 15.30 11.13 -10.34
N ARG A 144 14.57 10.30 -11.06
CA ARG A 144 13.85 10.76 -12.26
C ARG A 144 12.67 11.66 -11.93
N LEU A 145 12.04 11.44 -10.78
CA LEU A 145 10.95 12.35 -10.32
C LEU A 145 11.44 13.75 -10.07
N ALA A 146 12.73 13.88 -9.71
CA ALA A 146 13.43 15.17 -9.68
C ALA A 146 12.75 16.11 -8.71
N GLY A 147 12.24 15.54 -7.63
CA GLY A 147 11.65 16.34 -6.60
C GLY A 147 10.21 16.71 -6.86
N ARG A 148 9.58 16.22 -7.91
CA ARG A 148 8.24 16.72 -8.21
C ARG A 148 7.23 16.50 -7.09
N VAL A 149 7.18 15.28 -6.59
CA VAL A 149 6.31 14.89 -5.51
C VAL A 149 7.02 13.74 -4.76
N PRO A 150 6.57 13.41 -3.56
CA PRO A 150 7.18 12.31 -2.80
C PRO A 150 6.85 10.94 -3.39
N LEU A 151 7.77 10.00 -3.18
CA LEU A 151 7.66 8.64 -3.64
C LEU A 151 7.33 7.72 -2.48
N ILE A 152 6.24 6.95 -2.61
CA ILE A 152 5.78 6.02 -1.59
C ILE A 152 6.34 4.62 -1.89
N GLY A 153 6.95 3.99 -0.91
CA GLY A 153 7.22 2.55 -0.98
C GLY A 153 6.14 1.77 -0.24
N PHE A 154 6.16 0.45 -0.34
CA PHE A 154 5.08 -0.36 0.20
C PHE A 154 5.43 -1.82 0.32
N ALA A 155 4.63 -2.50 1.12
CA ALA A 155 4.64 -3.94 1.23
C ALA A 155 3.29 -4.42 1.70
N GLY A 156 3.08 -5.72 1.62
CA GLY A 156 1.93 -6.40 2.16
C GLY A 156 2.11 -6.64 3.65
N ALA A 157 1.04 -6.53 4.41
CA ALA A 157 1.09 -6.89 5.85
C ALA A 157 1.27 -8.37 6.02
N PRO A 158 1.82 -8.82 7.14
CA PRO A 158 2.02 -10.26 7.36
C PRO A 158 0.79 -11.17 7.13
N TRP A 159 -0.36 -10.85 7.71
CA TRP A 159 -1.52 -11.70 7.51
C TRP A 159 -1.89 -11.79 6.02
N THR A 160 -1.93 -10.67 5.34
CA THR A 160 -2.29 -10.68 3.92
C THR A 160 -1.34 -11.54 3.10
N LEU A 161 -0.03 -11.44 3.37
CA LEU A 161 0.93 -12.28 2.70
C LEU A 161 0.78 -13.74 3.01
N MET A 162 0.49 -14.04 4.28
CA MET A 162 0.17 -15.39 4.72
C MET A 162 -0.99 -15.95 3.91
N THR A 163 -2.02 -15.14 3.66
CA THR A 163 -3.16 -15.69 2.95
C THR A 163 -2.79 -16.11 1.52
N TYR A 164 -1.97 -15.35 0.83
CA TYR A 164 -1.52 -15.75 -0.50
C TYR A 164 -0.69 -16.98 -0.48
N MET A 165 0.19 -17.08 0.53
CA MET A 165 1.11 -18.21 0.64
C MET A 165 0.41 -19.53 0.95
N VAL A 166 -0.68 -19.47 1.69
CA VAL A 166 -1.43 -20.66 2.10
C VAL A 166 -2.51 -20.97 1.05
N GLU A 167 -3.25 -19.95 0.61
CA GLU A 167 -4.34 -20.13 -0.35
C GLU A 167 -3.81 -20.44 -1.75
N GLY A 168 -2.66 -19.87 -2.08
CA GLY A 168 -2.01 -20.07 -3.37
C GLY A 168 -2.53 -19.06 -4.39
N GLY A 169 -3.18 -18.03 -3.88
CA GLY A 169 -3.76 -16.99 -4.73
C GLY A 169 -4.88 -16.30 -3.96
N GLY A 170 -5.68 -15.53 -4.70
CA GLY A 170 -6.92 -14.94 -4.20
C GLY A 170 -7.93 -15.96 -3.70
N SER A 171 -8.85 -15.50 -2.85
CA SER A 171 -9.88 -16.39 -2.29
C SER A 171 -11.05 -15.56 -1.78
N SER A 172 -12.25 -16.11 -1.89
CA SER A 172 -13.42 -15.37 -1.43
C SER A 172 -13.65 -15.51 0.07
N THR A 173 -13.08 -16.57 0.66
CA THR A 173 -13.33 -16.87 2.07
C THR A 173 -12.08 -16.92 2.95
N MET A 174 -10.92 -17.08 2.35
CA MET A 174 -9.70 -17.37 3.11
C MET A 174 -9.86 -18.57 4.02
N ALA A 175 -10.62 -19.57 3.62
CA ALA A 175 -10.91 -20.72 4.50
C ALA A 175 -9.68 -21.54 4.86
N GLN A 176 -8.77 -21.73 3.91
CA GLN A 176 -7.54 -22.48 4.20
C GLN A 176 -6.62 -21.71 5.15
N ALA A 177 -6.48 -20.42 4.93
CA ALA A 177 -5.62 -19.60 5.79
C ALA A 177 -6.23 -19.48 7.18
N LYS A 178 -7.56 -19.28 7.25
CA LYS A 178 -8.20 -19.23 8.56
C LYS A 178 -8.19 -20.58 9.26
N ARG A 179 -8.21 -21.66 8.52
CA ARG A 179 -8.09 -23.00 9.11
C ARG A 179 -6.70 -23.11 9.80
N TRP A 180 -5.66 -22.53 9.19
CA TRP A 180 -4.36 -22.47 9.87
C TRP A 180 -4.46 -21.74 11.19
N LEU A 181 -5.14 -20.57 11.22
CA LEU A 181 -5.24 -19.84 12.45
C LEU A 181 -5.90 -20.60 13.58
N TYR A 182 -6.95 -21.34 13.26
CA TYR A 182 -7.70 -22.10 14.25
C TYR A 182 -7.12 -23.48 14.58
N GLN A 183 -6.58 -24.19 13.60
CA GLN A 183 -6.01 -25.55 13.78
C GLN A 183 -4.50 -25.63 13.96
N ARG A 184 -3.79 -24.64 13.40
N ARG A 184 -3.80 -24.62 13.44
CA ARG A 184 -2.34 -24.52 13.49
CA ARG A 184 -2.36 -24.56 13.52
C ARG A 184 -1.91 -23.16 14.04
C ARG A 184 -1.90 -23.19 14.04
N PRO A 185 -2.37 -22.74 15.20
CA PRO A 185 -2.00 -21.41 15.71
C PRO A 185 -0.49 -21.18 15.90
N GLN A 186 0.20 -22.21 16.41
N GLN A 186 0.25 -22.19 16.38
CA GLN A 186 1.65 -22.14 16.60
CA GLN A 186 1.68 -21.92 16.59
C GLN A 186 2.38 -21.87 15.27
C GLN A 186 2.44 -21.86 15.24
N ALA A 187 2.10 -22.70 14.29
CA ALA A 187 2.74 -22.64 12.97
C ALA A 187 2.33 -21.29 12.31
N SER A 188 1.11 -20.84 12.57
CA SER A 188 0.68 -19.52 12.02
C SER A 188 1.51 -18.39 12.59
N HIS A 189 1.70 -18.37 13.92
CA HIS A 189 2.51 -17.35 14.53
C HIS A 189 3.95 -17.45 14.01
N GLN A 190 4.46 -18.66 13.81
CA GLN A 190 5.81 -18.86 13.27
C GLN A 190 5.93 -18.17 11.88
N LEU A 191 4.95 -18.44 11.05
CA LEU A 191 4.94 -17.90 9.67
C LEU A 191 4.77 -16.38 9.70
N LEU A 192 3.89 -15.88 10.53
CA LEU A 192 3.68 -14.45 10.65
C LEU A 192 4.93 -13.71 11.17
N ARG A 193 5.70 -14.38 12.04
CA ARG A 193 6.94 -13.82 12.53
C ARG A 193 8.04 -13.83 11.45
N ILE A 194 8.07 -14.87 10.64
CA ILE A 194 9.01 -14.97 9.50
C ILE A 194 8.69 -13.81 8.58
N LEU A 195 7.41 -13.60 8.31
CA LEU A 195 7.08 -12.50 7.40
C LEU A 195 7.43 -11.11 7.93
N THR A 196 7.20 -10.88 9.22
CA THR A 196 7.48 -9.64 9.88
C THR A 196 8.99 -9.42 9.81
N ASP A 197 9.74 -10.47 10.09
CA ASP A 197 11.19 -10.34 10.12
C ASP A 197 11.79 -10.10 8.72
N ALA A 198 11.09 -10.51 7.66
CA ALA A 198 11.48 -10.24 6.30
C ALA A 198 11.07 -8.83 5.93
N LEU A 199 9.88 -8.44 6.33
CA LEU A 199 9.34 -7.12 5.97
C LEU A 199 10.12 -5.95 6.51
N VAL A 200 10.57 -6.06 7.77
CA VAL A 200 11.22 -4.94 8.38
C VAL A 200 12.48 -4.50 7.64
N PRO A 201 13.47 -5.37 7.40
CA PRO A 201 14.62 -4.93 6.63
C PRO A 201 14.27 -4.55 5.19
N TYR A 202 13.26 -5.16 4.61
CA TYR A 202 12.85 -4.74 3.25
C TYR A 202 12.35 -3.29 3.22
N LEU A 203 11.46 -2.96 4.15
CA LEU A 203 10.90 -1.61 4.27
C LEU A 203 11.97 -0.58 4.59
N VAL A 204 12.86 -0.94 5.51
CA VAL A 204 13.99 -0.08 5.82
C VAL A 204 14.82 0.18 4.58
N GLY A 205 15.11 -0.88 3.83
CA GLY A 205 15.88 -0.76 2.60
C GLY A 205 15.20 0.13 1.57
N GLN A 206 13.87 0.08 1.50
CA GLN A 206 13.14 0.96 0.58
C GLN A 206 13.40 2.42 0.93
N VAL A 207 13.42 2.73 2.22
CA VAL A 207 13.68 4.11 2.66
C VAL A 207 15.13 4.51 2.38
N VAL A 208 16.05 3.60 2.65
CA VAL A 208 17.47 3.84 2.35
C VAL A 208 17.66 4.15 0.88
N ALA A 209 16.91 3.42 0.05
CA ALA A 209 16.95 3.54 -1.42
C ALA A 209 16.27 4.80 -1.94
N GLY A 210 15.46 5.47 -1.12
CA GLY A 210 14.84 6.72 -1.51
C GLY A 210 13.35 6.93 -1.25
N ALA A 211 12.66 5.93 -0.73
CA ALA A 211 11.23 6.07 -0.38
C ALA A 211 11.05 7.13 0.73
N GLN A 212 10.07 7.99 0.54
CA GLN A 212 9.73 9.11 1.42
C GLN A 212 8.52 8.88 2.32
N ALA A 213 7.85 7.75 2.12
CA ALA A 213 6.73 7.30 2.91
C ALA A 213 6.57 5.82 2.61
N LEU A 214 5.89 5.11 3.48
CA LEU A 214 5.66 3.66 3.37
C LEU A 214 4.19 3.34 3.61
N GLN A 215 3.60 2.47 2.78
CA GLN A 215 2.25 2.03 3.01
C GLN A 215 2.25 0.51 3.16
N LEU A 216 1.60 0.02 4.18
CA LEU A 216 1.48 -1.41 4.43
C LEU A 216 0.02 -1.77 4.06
N PHE A 217 -0.14 -2.72 3.15
CA PHE A 217 -1.44 -3.14 2.68
C PHE A 217 -1.90 -4.41 3.41
N GLU A 218 -2.86 -4.25 4.30
CA GLU A 218 -3.59 -5.38 4.88
C GLU A 218 -4.91 -5.57 4.15
N SER A 219 -4.79 -6.04 2.92
CA SER A 219 -5.92 -6.17 1.98
C SER A 219 -6.95 -7.20 2.37
N HIS A 220 -6.52 -8.20 3.16
CA HIS A 220 -7.35 -9.32 3.54
C HIS A 220 -7.76 -9.25 5.01
N ALA A 221 -7.73 -8.05 5.58
CA ALA A 221 -8.17 -7.83 6.97
C ALA A 221 -9.58 -8.26 7.23
N GLY A 222 -10.45 -8.00 6.25
CA GLY A 222 -11.88 -8.09 6.48
C GLY A 222 -12.43 -9.47 6.65
N HIS A 223 -11.64 -10.46 6.28
CA HIS A 223 -12.01 -11.82 6.46
C HIS A 223 -11.89 -12.23 7.92
N LEU A 224 -11.14 -11.50 8.73
CA LEU A 224 -10.85 -11.98 10.10
C LEU A 224 -11.89 -11.65 11.15
N GLY A 225 -12.37 -10.45 11.19
CA GLY A 225 -13.17 -10.12 12.38
C GLY A 225 -12.29 -9.88 13.63
N PRO A 226 -12.85 -9.25 14.64
CA PRO A 226 -12.06 -8.62 15.69
C PRO A 226 -11.16 -9.60 16.48
N GLN A 227 -11.66 -10.74 16.93
CA GLN A 227 -10.84 -11.59 17.80
C GLN A 227 -9.60 -12.13 17.09
N LEU A 228 -9.79 -12.70 15.91
CA LEU A 228 -8.67 -13.18 15.11
C LEU A 228 -7.75 -12.07 14.69
N PHE A 229 -8.30 -10.91 14.34
CA PHE A 229 -7.48 -9.83 13.87
C PHE A 229 -6.55 -9.40 15.00
N ASN A 230 -7.10 -9.27 16.18
CA ASN A 230 -6.29 -8.90 17.33
C ASN A 230 -5.21 -9.92 17.69
N LYS A 231 -5.44 -11.20 17.47
CA LYS A 231 -4.43 -12.23 17.80
C LYS A 231 -3.38 -12.39 16.70
N PHE A 232 -3.79 -12.30 15.42
CA PHE A 232 -2.94 -12.74 14.32
C PHE A 232 -2.54 -11.69 13.29
N ALA A 233 -3.23 -10.58 13.27
CA ALA A 233 -2.87 -9.51 12.34
C ALA A 233 -2.27 -8.29 13.03
N LEU A 234 -2.97 -7.74 14.02
CA LEU A 234 -2.58 -6.53 14.66
C LEU A 234 -1.18 -6.59 15.34
N PRO A 235 -0.82 -7.64 16.04
CA PRO A 235 0.51 -7.62 16.70
C PRO A 235 1.65 -7.48 15.71
N TYR A 236 1.50 -8.08 14.54
CA TYR A 236 2.51 -7.98 13.50
C TYR A 236 2.48 -6.63 12.77
N ILE A 237 1.29 -6.08 12.55
CA ILE A 237 1.17 -4.70 12.02
C ILE A 237 1.93 -3.72 12.97
N ARG A 238 1.74 -3.90 14.29
CA ARG A 238 2.42 -3.05 15.28
C ARG A 238 3.92 -3.25 15.24
N ASP A 239 4.35 -4.50 15.17
CA ASP A 239 5.79 -4.83 15.18
C ASP A 239 6.47 -4.25 13.96
N VAL A 240 5.83 -4.31 12.78
CA VAL A 240 6.47 -3.74 11.59
C VAL A 240 6.74 -2.26 11.75
N ALA A 241 5.77 -1.49 12.23
CA ALA A 241 5.97 -0.08 12.33
C ALA A 241 7.07 0.22 13.39
N LYS A 242 7.01 -0.48 14.51
CA LYS A 242 7.93 -0.19 15.62
C LYS A 242 9.35 -0.45 15.20
N GLN A 243 9.56 -1.60 14.57
CA GLN A 243 10.91 -2.04 14.18
C GLN A 243 11.48 -1.22 13.03
N VAL A 244 10.62 -0.86 12.07
CA VAL A 244 11.07 -0.02 10.98
C VAL A 244 11.56 1.34 11.51
N LYS A 245 10.75 2.00 12.35
CA LYS A 245 11.15 3.31 12.85
C LYS A 245 12.46 3.15 13.69
N ALA A 246 12.62 2.07 14.43
CA ALA A 246 13.80 1.87 15.27
C ALA A 246 15.06 1.71 14.44
N ARG A 247 14.97 0.89 13.40
CA ARG A 247 16.12 0.66 12.57
C ARG A 247 16.51 1.89 11.81
N LEU A 248 15.54 2.71 11.39
CA LEU A 248 15.88 3.91 10.68
C LEU A 248 16.61 4.89 11.60
N ARG A 249 16.14 5.02 12.85
N ARG A 249 16.16 5.02 12.86
CA ARG A 249 16.81 5.88 13.83
CA ARG A 249 16.82 5.92 13.82
C ARG A 249 18.24 5.41 14.00
C ARG A 249 18.23 5.44 14.11
N GLU A 250 18.40 4.12 14.22
CA GLU A 250 19.71 3.55 14.55
C GLU A 250 20.70 3.75 13.42
N ALA A 251 20.19 3.82 12.19
CA ALA A 251 21.02 4.00 11.00
C ALA A 251 21.37 5.47 10.72
N GLY A 252 20.83 6.38 11.49
CA GLY A 252 21.10 7.78 11.31
C GLY A 252 20.15 8.44 10.34
N LEU A 253 19.03 7.78 10.06
CA LEU A 253 18.10 8.26 9.06
C LEU A 253 16.83 8.83 9.63
N ALA A 254 16.20 9.66 8.83
CA ALA A 254 14.97 10.32 9.22
C ALA A 254 13.82 9.34 9.03
N PRO A 255 13.03 8.96 10.05
N PRO A 255 12.82 9.61 9.85
CA PRO A 255 11.87 8.12 9.75
CA PRO A 255 11.61 8.82 9.89
C PRO A 255 10.83 8.87 8.91
C PRO A 255 10.87 9.06 8.61
N VAL A 256 10.10 8.07 8.16
CA VAL A 256 9.11 8.46 7.15
C VAL A 256 7.71 8.21 7.71
N PRO A 257 6.73 8.91 7.20
CA PRO A 257 5.36 8.60 7.59
C PRO A 257 4.90 7.24 7.03
N MET A 258 4.25 6.48 7.88
CA MET A 258 3.81 5.14 7.55
C MET A 258 2.27 5.12 7.53
N ILE A 259 1.72 4.42 6.56
CA ILE A 259 0.28 4.35 6.33
C ILE A 259 -0.10 2.89 6.52
N ILE A 260 -1.17 2.58 7.23
CA ILE A 260 -1.74 1.25 7.32
C ILE A 260 -3.11 1.31 6.63
N PHE A 261 -3.29 0.46 5.61
CA PHE A 261 -4.58 0.35 4.90
C PHE A 261 -5.09 -1.06 5.11
N ALA A 262 -6.15 -1.22 5.90
CA ALA A 262 -6.78 -2.53 6.14
C ALA A 262 -8.14 -2.50 5.48
N LYS A 263 -8.19 -3.05 4.29
CA LYS A 263 -9.43 -3.05 3.53
C LYS A 263 -10.48 -3.87 4.26
N ASP A 264 -11.70 -3.34 4.33
CA ASP A 264 -12.79 -4.00 5.04
C ASP A 264 -12.46 -4.16 6.54
N GLY A 265 -11.59 -3.28 7.06
CA GLY A 265 -11.17 -3.31 8.44
C GLY A 265 -11.89 -2.37 9.40
N HIS A 266 -13.18 -2.11 9.13
CA HIS A 266 -13.98 -1.17 9.93
C HIS A 266 -13.84 -1.46 11.41
N PHE A 267 -13.80 -2.73 11.77
CA PHE A 267 -13.85 -3.18 13.14
C PHE A 267 -12.53 -2.95 13.85
N ALA A 268 -11.50 -2.61 13.11
CA ALA A 268 -10.15 -2.47 13.69
C ALA A 268 -9.65 -1.05 13.74
N LEU A 269 -10.48 -0.07 13.34
CA LEU A 269 -10.04 1.31 13.15
C LEU A 269 -9.48 1.91 14.43
N GLU A 270 -10.13 1.66 15.56
CA GLU A 270 -9.65 2.22 16.82
C GLU A 270 -8.25 1.71 17.14
N GLU A 271 -8.07 0.41 16.95
CA GLU A 271 -6.77 -0.21 17.26
C GLU A 271 -5.72 0.23 16.28
N LEU A 272 -6.11 0.41 15.02
CA LEU A 272 -5.12 0.78 14.00
C LEU A 272 -4.61 2.19 14.21
N ALA A 273 -5.44 3.07 14.76
CA ALA A 273 -5.04 4.43 15.05
C ALA A 273 -4.03 4.49 16.22
N GLN A 274 -3.87 3.38 16.94
CA GLN A 274 -2.92 3.27 18.06
C GLN A 274 -1.74 2.38 17.73
N ALA A 275 -1.58 1.97 16.47
CA ALA A 275 -0.61 0.95 16.13
C ALA A 275 0.73 1.49 15.65
N GLY A 276 0.90 2.81 15.70
CA GLY A 276 2.14 3.46 15.35
C GLY A 276 2.34 3.88 13.93
N TYR A 277 1.22 4.09 13.24
CA TYR A 277 1.18 4.61 11.89
C TYR A 277 0.61 6.01 11.87
N GLU A 278 1.22 6.86 11.08
CA GLU A 278 0.80 8.24 10.96
C GLU A 278 -0.55 8.37 10.30
N VAL A 279 -0.81 7.43 9.40
CA VAL A 279 -1.99 7.54 8.55
C VAL A 279 -2.71 6.21 8.55
N VAL A 280 -4.06 6.28 8.64
CA VAL A 280 -4.92 5.12 8.51
C VAL A 280 -5.77 5.26 7.24
N GLY A 281 -5.63 4.28 6.34
CA GLY A 281 -6.35 4.28 5.10
C GLY A 281 -7.68 3.59 5.24
N LEU A 282 -8.69 4.09 4.53
CA LEU A 282 -10.04 3.63 4.70
C LEU A 282 -10.64 3.16 3.39
N ASP A 283 -11.42 2.08 3.48
CA ASP A 283 -12.24 1.67 2.33
C ASP A 283 -13.51 2.54 2.23
N TRP A 284 -14.24 2.37 1.14
CA TRP A 284 -15.40 3.19 0.89
C TRP A 284 -16.64 2.82 1.70
N THR A 285 -16.59 1.74 2.48
CA THR A 285 -17.76 1.37 3.25
C THR A 285 -17.89 2.07 4.56
N VAL A 286 -16.83 2.74 5.00
CA VAL A 286 -16.87 3.46 6.27
C VAL A 286 -17.22 4.90 5.99
N ALA A 287 -18.24 5.43 6.64
CA ALA A 287 -18.58 6.83 6.45
C ALA A 287 -17.48 7.69 7.08
N PRO A 288 -16.96 8.68 6.36
CA PRO A 288 -15.84 9.48 6.89
C PRO A 288 -16.03 10.01 8.32
N LYS A 289 -17.23 10.49 8.65
CA LYS A 289 -17.48 10.99 10.00
C LYS A 289 -17.40 9.93 11.07
N LYS A 290 -17.85 8.71 10.77
CA LYS A 290 -17.71 7.60 11.71
C LYS A 290 -16.25 7.22 11.91
N ALA A 291 -15.49 7.23 10.82
CA ALA A 291 -14.07 6.87 10.89
C ALA A 291 -13.31 7.84 11.81
N ARG A 292 -13.58 9.12 11.66
CA ARG A 292 -12.96 10.17 12.47
C ARG A 292 -13.25 9.97 13.95
N GLU A 293 -14.49 9.60 14.26
CA GLU A 293 -14.87 9.21 15.62
C GLU A 293 -14.04 8.03 16.15
N CYS A 294 -13.85 6.98 15.36
CA CYS A 294 -13.12 5.80 15.83
C CYS A 294 -11.65 6.09 16.06
N VAL A 295 -11.04 6.78 15.10
CA VAL A 295 -9.58 6.95 15.15
C VAL A 295 -9.12 8.12 16.02
N GLY A 296 -10.03 9.05 16.29
CA GLY A 296 -9.64 10.25 17.03
C GLY A 296 -9.02 11.35 16.19
N LYS A 297 -8.39 12.31 16.89
CA LYS A 297 -7.87 13.53 16.27
C LYS A 297 -6.36 13.51 15.99
N THR A 298 -5.67 12.43 16.37
CA THR A 298 -4.20 12.40 16.28
C THR A 298 -3.62 11.52 15.16
N VAL A 299 -4.46 11.01 14.26
CA VAL A 299 -3.93 10.42 13.04
C VAL A 299 -4.57 11.06 11.84
N THR A 300 -3.89 10.95 10.71
CA THR A 300 -4.40 11.36 9.43
C THR A 300 -5.17 10.18 8.80
N LEU A 301 -6.28 10.52 8.19
CA LEU A 301 -7.08 9.57 7.41
C LEU A 301 -6.79 9.72 5.94
N GLN A 302 -6.83 8.58 5.21
CA GLN A 302 -6.62 8.59 3.77
C GLN A 302 -7.79 7.83 3.14
N GLY A 303 -8.33 8.36 2.05
CA GLY A 303 -9.37 7.67 1.32
C GLY A 303 -10.43 8.65 0.93
N ASN A 304 -11.66 8.22 0.66
CA ASN A 304 -12.06 6.82 0.62
C ASN A 304 -13.09 6.54 -0.49
N LEU A 305 -13.03 7.29 -1.58
CA LEU A 305 -14.05 7.21 -2.60
C LEU A 305 -14.18 5.83 -3.24
N ASP A 306 -15.42 5.34 -3.32
CA ASP A 306 -15.72 4.12 -4.09
C ASP A 306 -15.10 4.19 -5.47
N PRO A 307 -14.17 3.31 -5.81
CA PRO A 307 -13.56 3.43 -7.13
C PRO A 307 -14.61 3.41 -8.26
N CYS A 308 -15.68 2.67 -8.03
CA CYS A 308 -16.75 2.58 -9.04
C CYS A 308 -17.45 3.92 -9.28
N ALA A 309 -17.32 4.84 -8.35
CA ALA A 309 -17.88 6.21 -8.55
C ALA A 309 -17.26 6.85 -9.80
N LEU A 310 -16.07 6.43 -10.19
CA LEU A 310 -15.45 7.01 -11.37
C LEU A 310 -16.11 6.56 -12.67
N TYR A 311 -17.07 5.64 -12.59
CA TYR A 311 -17.91 5.32 -13.75
C TYR A 311 -18.96 6.38 -13.99
N ALA A 312 -19.22 7.22 -12.99
CA ALA A 312 -20.22 8.29 -13.09
C ALA A 312 -19.67 9.38 -13.98
N SER A 313 -20.53 10.32 -14.37
CA SER A 313 -20.10 11.40 -15.25
C SER A 313 -19.10 12.29 -14.52
N GLU A 314 -18.30 13.04 -15.25
CA GLU A 314 -17.39 14.00 -14.60
C GLU A 314 -18.05 14.98 -13.61
N GLU A 315 -19.22 15.53 -13.98
CA GLU A 315 -20.00 16.36 -13.08
C GLU A 315 -20.43 15.66 -11.77
N GLU A 316 -20.90 14.41 -11.90
CA GLU A 316 -21.30 13.59 -10.77
C GLU A 316 -20.09 13.28 -9.86
N ILE A 317 -18.96 12.95 -10.47
CA ILE A 317 -17.71 12.72 -9.70
C ILE A 317 -17.40 13.94 -8.86
N GLY A 318 -17.52 15.14 -9.44
CA GLY A 318 -17.30 16.36 -8.70
C GLY A 318 -18.17 16.53 -7.49
N GLN A 319 -19.46 16.19 -7.61
CA GLN A 319 -20.36 16.30 -6.50
C GLN A 319 -20.09 15.24 -5.44
N LEU A 320 -19.69 14.05 -5.88
CA LEU A 320 -19.38 13.01 -4.89
C LEU A 320 -18.11 13.36 -4.08
N VAL A 321 -17.14 13.93 -4.78
CA VAL A 321 -15.91 14.42 -4.17
C VAL A 321 -16.20 15.55 -3.20
N LYS A 322 -17.04 16.50 -3.60
CA LYS A 322 -17.44 17.54 -2.68
C LYS A 322 -17.98 17.02 -1.35
N GLN A 323 -18.88 16.06 -1.44
CA GLN A 323 -19.52 15.49 -0.31
C GLN A 323 -18.49 14.78 0.55
N MET A 324 -17.60 14.04 -0.11
CA MET A 324 -16.57 13.30 0.65
C MET A 324 -15.68 14.26 1.43
N LEU A 325 -15.21 15.31 0.77
CA LEU A 325 -14.34 16.30 1.42
C LEU A 325 -15.04 17.04 2.57
N ASP A 326 -16.34 17.30 2.38
CA ASP A 326 -17.13 17.95 3.42
C ASP A 326 -17.20 17.08 4.64
N ASP A 327 -17.31 15.77 4.44
CA ASP A 327 -17.43 14.83 5.52
C ASP A 327 -16.10 14.62 6.26
N PHE A 328 -14.98 14.65 5.54
CA PHE A 328 -13.68 14.43 6.17
C PHE A 328 -13.19 15.69 6.87
N GLY A 329 -13.49 16.84 6.28
CA GLY A 329 -12.95 18.10 6.75
C GLY A 329 -11.54 18.31 6.24
N PRO A 330 -11.03 19.54 6.40
CA PRO A 330 -9.76 19.93 5.77
C PRO A 330 -8.52 19.39 6.50
N HIS A 331 -8.64 19.05 7.77
CA HIS A 331 -7.48 18.69 8.57
C HIS A 331 -7.21 17.18 8.54
N ARG A 332 -5.94 16.79 8.63
CA ARG A 332 -5.54 15.41 8.88
C ARG A 332 -6.21 14.46 7.87
N TYR A 333 -6.07 14.82 6.61
CA TYR A 333 -6.74 14.09 5.53
C TYR A 333 -5.94 14.10 4.24
N ILE A 334 -5.77 12.91 3.67
CA ILE A 334 -5.24 12.72 2.32
C ILE A 334 -6.32 12.02 1.48
N ALA A 335 -6.71 12.63 0.35
CA ALA A 335 -7.76 12.05 -0.48
C ALA A 335 -7.21 10.87 -1.29
N ASN A 336 -8.03 9.83 -1.46
CA ASN A 336 -7.66 8.73 -2.31
C ASN A 336 -8.99 8.00 -2.54
N LEU A 337 -8.92 6.97 -3.35
CA LEU A 337 -10.03 6.03 -3.48
C LEU A 337 -10.02 5.09 -2.29
N GLY A 338 -11.10 4.35 -2.13
CA GLY A 338 -11.22 3.34 -1.11
C GLY A 338 -10.63 2.00 -1.52
N HIS A 339 -10.16 1.87 -2.75
CA HIS A 339 -9.46 0.70 -3.23
C HIS A 339 -8.84 1.07 -4.56
N GLY A 340 -8.11 0.15 -5.18
CA GLY A 340 -7.37 0.48 -6.37
C GLY A 340 -8.30 0.75 -7.56
N LEU A 341 -7.83 1.55 -8.49
CA LEU A 341 -8.51 1.75 -9.79
C LEU A 341 -8.71 0.44 -10.57
N TYR A 342 -9.87 0.29 -11.20
CA TYR A 342 -10.14 -0.90 -12.00
C TYR A 342 -9.69 -0.72 -13.44
N PRO A 343 -9.34 -1.82 -14.12
CA PRO A 343 -8.81 -1.77 -15.50
C PRO A 343 -9.72 -1.12 -16.55
N ASP A 344 -11.02 -1.08 -16.31
CA ASP A 344 -11.94 -0.52 -17.33
C ASP A 344 -12.31 0.93 -17.09
N MET A 345 -11.62 1.62 -16.19
CA MET A 345 -11.97 2.99 -15.85
C MET A 345 -11.39 3.95 -16.88
N ASP A 346 -12.06 5.07 -17.06
CA ASP A 346 -11.65 6.06 -18.08
C ASP A 346 -10.63 7.00 -17.44
N PRO A 347 -9.43 7.11 -17.98
CA PRO A 347 -8.44 8.07 -17.46
C PRO A 347 -8.94 9.49 -17.30
N GLU A 348 -9.82 9.95 -18.19
CA GLU A 348 -10.40 11.28 -18.01
C GLU A 348 -11.19 11.47 -16.74
N HIS A 349 -11.87 10.40 -16.30
CA HIS A 349 -12.64 10.42 -15.08
C HIS A 349 -11.71 10.38 -13.83
N VAL A 350 -10.58 9.73 -13.98
CA VAL A 350 -9.56 9.78 -12.91
C VAL A 350 -9.06 11.23 -12.80
N GLY A 351 -8.88 11.87 -13.94
CA GLY A 351 -8.48 13.26 -13.98
C GLY A 351 -9.47 14.17 -13.31
N ALA A 352 -10.75 13.90 -13.55
CA ALA A 352 -11.82 14.64 -12.92
C ALA A 352 -11.83 14.54 -11.40
N PHE A 353 -11.53 13.34 -10.87
CA PHE A 353 -11.41 13.11 -9.45
C PHE A 353 -10.28 13.98 -8.87
N VAL A 354 -9.13 13.94 -9.51
CA VAL A 354 -7.95 14.67 -9.01
C VAL A 354 -8.25 16.17 -8.98
N ASP A 355 -8.82 16.64 -10.09
CA ASP A 355 -9.11 18.09 -10.26
C ASP A 355 -10.14 18.53 -9.23
N ALA A 356 -11.12 17.68 -8.91
CA ALA A 356 -12.16 18.06 -7.99
C ALA A 356 -11.67 18.13 -6.58
N VAL A 357 -10.74 17.23 -6.18
CA VAL A 357 -10.20 17.30 -4.86
C VAL A 357 -9.49 18.63 -4.66
N HIS A 358 -8.69 18.98 -5.65
CA HIS A 358 -7.87 20.18 -5.58
C HIS A 358 -8.77 21.42 -5.55
N LYS A 359 -9.73 21.46 -6.45
CA LYS A 359 -10.63 22.62 -6.57
C LYS A 359 -11.46 22.80 -5.30
N HIS A 360 -12.17 21.76 -4.89
CA HIS A 360 -13.03 21.90 -3.70
C HIS A 360 -12.29 22.03 -2.39
N SER A 361 -11.08 21.47 -2.27
CA SER A 361 -10.39 21.55 -0.99
C SER A 361 -9.90 22.99 -0.77
N ARG A 362 -9.63 23.69 -1.87
CA ARG A 362 -9.28 25.09 -1.80
C ARG A 362 -10.49 25.96 -1.43
N LEU A 363 -11.65 25.66 -2.00
CA LEU A 363 -12.88 26.36 -1.64
C LEU A 363 -13.21 26.19 -0.16
N LEU A 364 -12.88 25.03 0.39
CA LEU A 364 -13.20 24.68 1.77
C LEU A 364 -12.25 25.31 2.80
N ARG A 365 -11.26 26.07 2.29
CA ARG A 365 -10.27 26.72 3.14
C ARG A 365 -10.46 28.26 3.13
N GLN A 366 -10.73 28.83 1.95
CA GLN A 366 -11.13 30.23 1.82
C GLN A 366 -12.66 30.29 1.78
#